data_6GXR
#
_entry.id   6GXR
#
_cell.length_a   46.076
_cell.length_b   87.549
_cell.length_c   159.100
_cell.angle_alpha   90.00
_cell.angle_beta   90.00
_cell.angle_gamma   90.00
#
_symmetry.space_group_name_H-M   'I 2 2 2'
#
loop_
_entity.id
_entity.type
_entity.pdbx_description
1 polymer 'BP39L lectin'
2 non-polymer 'SULFATE ION'
3 water water
#
_entity_poly.entity_id   1
_entity_poly.type   'polypeptide(L)'
_entity_poly.pdbx_seq_one_letter_code
;MHHHHHHENLYFQSAKLAASNQFGIPNQTDVFAVDGNGSLRVSWVVSAGAWNGPAQIGPAGLFPSRAAVASSNQFGIPNQ
TDVFAVGRDGALNVAWVVSADRWNGPTPISAAGLFPAGAAIAASNQFGIPNQTDVFAVSDSGALNVAWVVSAERWNGPIP
ISAAGHFPAGAPLATSNQFGIPNQTDVFVVDNKGALNVAWVVGAGSWNGPIPISPPGLFPPGAAVAASNQFGIPNQTDVF
VVDNQGALNVAWVVGADRWNGPVPISPAGLFPPGAAVAASNQFGIPNQTDVFAVGRDGALRVAWVVSAGNWNGPVSISPT
NLFPSGAAVAASNQFGIPNQTDVFAADSDGVLHVAWVVSAGNWNGPISIA
;
_entity_poly.pdbx_strand_id   A
#
loop_
_chem_comp.id
_chem_comp.type
_chem_comp.name
_chem_comp.formula
SO4 non-polymer 'SULFATE ION' 'O4 S -2'
#
# COMPACT_ATOMS: atom_id res chain seq x y z
N TYR A 11 11.19 10.34 5.74
CA TYR A 11 10.40 10.85 6.89
C TYR A 11 8.88 10.68 6.72
N PHE A 12 8.37 10.66 5.48
CA PHE A 12 6.92 10.42 5.28
C PHE A 12 6.63 9.02 5.73
N GLN A 13 5.39 8.76 6.17
CA GLN A 13 5.03 7.48 6.72
C GLN A 13 4.60 6.53 5.60
N SER A 14 5.50 6.36 4.63
CA SER A 14 5.28 5.58 3.46
C SER A 14 5.28 4.09 3.78
N ALA A 15 4.78 3.28 2.83
CA ALA A 15 4.73 1.83 3.01
C ALA A 15 6.08 1.24 2.82
N LYS A 16 6.73 0.99 3.94
CA LYS A 16 8.03 0.33 4.04
C LYS A 16 7.98 -1.20 4.10
N LEU A 17 6.82 -1.81 4.19
CA LEU A 17 6.55 -3.18 4.07
C LEU A 17 5.47 -3.44 3.01
N ALA A 18 5.62 -4.48 2.22
CA ALA A 18 4.63 -4.87 1.27
C ALA A 18 4.39 -6.36 1.38
N ALA A 19 3.14 -6.76 1.39
CA ALA A 19 2.82 -8.19 1.47
C ALA A 19 2.13 -8.65 0.18
N SER A 20 2.47 -9.85 -0.27
CA SER A 20 1.95 -10.34 -1.53
C SER A 20 1.89 -11.87 -1.50
N ASN A 21 0.94 -12.45 -2.20
CA ASN A 21 1.15 -13.87 -2.65
C ASN A 21 2.45 -13.91 -3.49
N GLN A 22 3.19 -15.04 -3.46
CA GLN A 22 4.24 -15.27 -4.45
C GLN A 22 3.49 -15.97 -5.58
N PHE A 23 3.09 -15.20 -6.58
CA PHE A 23 2.15 -15.67 -7.61
C PHE A 23 2.72 -16.93 -8.30
N GLY A 24 1.89 -17.92 -8.35
CA GLY A 24 2.39 -19.23 -8.84
C GLY A 24 2.58 -20.25 -7.76
N ILE A 25 2.66 -19.78 -6.50
CA ILE A 25 2.78 -20.69 -5.36
C ILE A 25 1.56 -20.36 -4.52
N PRO A 26 0.36 -21.04 -4.72
CA PRO A 26 -0.87 -20.46 -4.19
C PRO A 26 -0.97 -20.25 -2.68
N ASN A 27 -0.19 -21.01 -1.93
CA ASN A 27 -0.16 -21.08 -0.49
C ASN A 27 0.99 -20.28 0.16
N GLN A 28 1.73 -19.52 -0.62
CA GLN A 28 2.83 -18.75 -0.14
C GLN A 28 2.54 -17.26 -0.01
N THR A 29 2.95 -16.71 1.13
CA THR A 29 2.82 -15.28 1.40
C THR A 29 4.22 -14.72 1.59
N ASP A 30 4.54 -13.61 0.91
CA ASP A 30 5.77 -12.97 0.99
C ASP A 30 5.56 -11.57 1.64
N VAL A 31 6.51 -11.16 2.46
CA VAL A 31 6.54 -9.74 3.01
C VAL A 31 7.92 -9.14 2.69
N PHE A 32 7.92 -8.06 1.92
CA PHE A 32 9.14 -7.38 1.41
C PHE A 32 9.43 -6.15 2.28
N ALA A 33 10.72 -5.90 2.52
CA ALA A 33 11.21 -4.81 3.33
C ALA A 33 12.60 -4.49 2.85
N VAL A 34 13.08 -3.30 3.21
CA VAL A 34 14.46 -2.95 2.95
C VAL A 34 15.16 -2.89 4.31
N ASP A 35 16.30 -3.55 4.39
CA ASP A 35 16.97 -3.58 5.68
C ASP A 35 17.94 -2.38 5.82
N GLY A 36 18.57 -2.25 6.99
CA GLY A 36 19.51 -1.15 7.26
C GLY A 36 20.72 -1.12 6.36
N ASN A 37 21.11 -2.29 5.85
CA ASN A 37 22.19 -2.37 4.85
C ASN A 37 21.78 -1.93 3.43
N GLY A 38 20.53 -1.50 3.24
CA GLY A 38 20.06 -1.00 1.97
C GLY A 38 19.75 -2.07 0.96
N SER A 39 19.58 -3.33 1.43
CA SER A 39 19.21 -4.35 0.51
C SER A 39 17.73 -4.70 0.72
N LEU A 40 17.18 -5.15 -0.35
CA LEU A 40 15.79 -5.58 -0.36
C LEU A 40 15.79 -6.95 0.28
N ARG A 41 14.75 -7.30 1.00
CA ARG A 41 14.61 -8.57 1.69
C ARG A 41 13.19 -9.07 1.64
N VAL A 42 13.06 -10.36 1.79
CA VAL A 42 11.76 -11.03 1.79
C VAL A 42 11.69 -12.00 2.90
N SER A 43 10.55 -12.02 3.58
CA SER A 43 10.18 -13.06 4.53
C SER A 43 8.97 -13.83 3.95
N TRP A 44 8.84 -15.14 4.17
CA TRP A 44 7.80 -15.89 3.54
C TRP A 44 7.35 -17.07 4.40
N VAL A 45 6.11 -17.46 4.19
CA VAL A 45 5.52 -18.63 4.84
C VAL A 45 4.61 -19.35 3.86
N VAL A 46 4.53 -20.67 4.00
CA VAL A 46 3.65 -21.50 3.23
C VAL A 46 2.56 -22.10 4.13
N SER A 47 1.30 -21.83 3.78
CA SER A 47 0.12 -22.28 4.53
C SER A 47 0.24 -21.85 5.97
N ALA A 48 0.15 -22.79 6.94
CA ALA A 48 0.22 -22.44 8.41
C ALA A 48 1.60 -22.81 9.01
N GLY A 49 2.62 -22.93 8.15
CA GLY A 49 3.95 -23.37 8.51
C GLY A 49 4.77 -22.25 9.13
N ALA A 50 6.05 -22.45 9.15
CA ALA A 50 7.00 -21.53 9.80
C ALA A 50 7.41 -20.40 8.85
N TRP A 51 7.60 -19.21 9.40
CA TRP A 51 8.16 -18.08 8.67
C TRP A 51 9.60 -18.30 8.38
N ASN A 52 10.02 -17.93 7.19
CA ASN A 52 11.41 -17.98 6.76
C ASN A 52 11.88 -16.55 6.46
N GLY A 53 13.17 -16.30 6.72
CA GLY A 53 13.91 -15.11 6.26
C GLY A 53 14.32 -14.21 7.39
N PRO A 54 14.57 -12.93 7.18
CA PRO A 54 14.44 -12.27 5.89
C PRO A 54 15.62 -12.55 4.99
N ALA A 55 15.35 -13.01 3.77
CA ALA A 55 16.40 -13.34 2.79
C ALA A 55 16.68 -12.12 1.86
N GLN A 56 17.95 -11.90 1.54
CA GLN A 56 18.34 -10.78 0.70
C GLN A 56 18.01 -11.01 -0.73
N ILE A 57 17.58 -9.93 -1.41
CA ILE A 57 17.27 -9.95 -2.82
C ILE A 57 18.18 -8.89 -3.45
N GLY A 58 19.14 -9.35 -4.24
CA GLY A 58 20.11 -8.48 -4.85
C GLY A 58 21.23 -7.98 -3.97
N PRO A 59 21.98 -6.97 -4.45
CA PRO A 59 23.16 -6.50 -3.76
C PRO A 59 22.82 -5.64 -2.57
N ALA A 60 23.77 -5.53 -1.63
CA ALA A 60 23.67 -4.54 -0.56
C ALA A 60 23.81 -3.11 -1.09
N GLY A 61 23.24 -2.20 -0.30
CA GLY A 61 23.45 -0.77 -0.46
C GLY A 61 22.81 -0.17 -1.69
N LEU A 62 21.85 -0.87 -2.30
CA LEU A 62 21.22 -0.37 -3.55
C LEU A 62 20.16 0.72 -3.19
N PHE A 63 19.57 0.60 -1.99
CA PHE A 63 18.51 1.46 -1.50
C PHE A 63 18.87 2.20 -0.29
N PRO A 64 18.25 3.36 -0.04
CA PRO A 64 18.37 3.88 1.33
C PRO A 64 17.72 2.97 2.35
N SER A 65 18.20 2.96 3.58
CA SER A 65 17.62 2.03 4.53
C SER A 65 16.16 2.45 4.69
N ARG A 66 15.26 1.50 4.91
CA ARG A 66 13.85 1.91 5.00
C ARG A 66 13.31 2.90 3.81
N ALA A 67 13.80 2.57 2.63
CA ALA A 67 13.13 2.91 1.43
C ALA A 67 11.74 2.24 1.48
N ALA A 68 10.79 2.87 0.83
CA ALA A 68 9.45 2.33 0.61
C ALA A 68 9.52 1.19 -0.44
N VAL A 69 8.54 0.27 -0.39
CA VAL A 69 8.45 -0.88 -1.33
C VAL A 69 7.03 -1.06 -1.77
N ALA A 70 6.82 -1.67 -2.92
CA ALA A 70 5.57 -2.10 -3.39
C ALA A 70 5.71 -3.41 -4.11
N SER A 71 4.60 -4.10 -4.23
CA SER A 71 4.61 -5.38 -4.90
C SER A 71 3.34 -5.56 -5.74
N SER A 72 3.42 -6.43 -6.80
CA SER A 72 2.28 -6.74 -7.60
C SER A 72 2.61 -8.03 -8.43
N ASN A 73 1.55 -8.75 -8.77
CA ASN A 73 1.61 -9.68 -9.90
C ASN A 73 2.07 -8.81 -11.11
N GLN A 74 2.86 -9.37 -12.00
CA GLN A 74 2.97 -8.85 -13.36
C GLN A 74 1.83 -9.40 -14.22
N PHE A 75 0.77 -8.60 -14.36
CA PHE A 75 -0.52 -8.92 -14.99
C PHE A 75 -0.33 -9.46 -16.38
N GLY A 76 -0.91 -10.63 -16.60
CA GLY A 76 -0.66 -11.38 -17.83
C GLY A 76 0.37 -12.51 -17.69
N ILE A 77 1.20 -12.51 -16.64
CA ILE A 77 2.18 -13.54 -16.35
C ILE A 77 1.73 -14.15 -14.98
N PRO A 78 0.88 -15.16 -14.99
CA PRO A 78 0.26 -15.59 -13.67
C PRO A 78 1.26 -16.03 -12.62
N ASN A 79 2.46 -16.40 -12.99
CA ASN A 79 3.42 -16.97 -12.07
C ASN A 79 4.55 -16.05 -11.73
N GLN A 80 4.41 -14.72 -11.99
CA GLN A 80 5.46 -13.74 -11.73
C GLN A 80 5.00 -12.68 -10.66
N THR A 81 5.85 -12.51 -9.68
CA THR A 81 5.71 -11.44 -8.63
C THR A 81 6.80 -10.39 -8.83
N ASP A 82 6.43 -9.11 -8.87
CA ASP A 82 7.33 -7.98 -8.99
C ASP A 82 7.35 -7.21 -7.68
N VAL A 83 8.47 -6.68 -7.38
CA VAL A 83 8.76 -5.85 -6.22
C VAL A 83 9.48 -4.63 -6.66
N PHE A 84 8.98 -3.47 -6.24
CA PHE A 84 9.46 -2.15 -6.63
C PHE A 84 10.02 -1.34 -5.52
N ALA A 85 11.07 -0.55 -5.84
CA ALA A 85 11.71 0.35 -4.86
C ALA A 85 12.63 1.26 -5.63
N VAL A 86 12.79 2.46 -5.15
CA VAL A 86 13.68 3.50 -5.72
C VAL A 86 15.00 3.43 -5.04
N GLY A 87 16.05 3.20 -5.86
CA GLY A 87 17.39 3.20 -5.31
C GLY A 87 17.95 4.51 -4.84
N ARG A 88 19.13 4.40 -4.22
CA ARG A 88 19.89 5.56 -3.81
C ARG A 88 20.10 6.62 -4.90
N ASP A 89 20.30 6.19 -6.13
CA ASP A 89 20.43 7.07 -7.28
C ASP A 89 19.18 7.67 -7.88
N GLY A 90 18.01 7.39 -7.28
CA GLY A 90 16.79 7.98 -7.80
C GLY A 90 16.14 7.29 -8.95
N ALA A 91 16.58 6.09 -9.34
CA ALA A 91 15.93 5.25 -10.31
C ALA A 91 14.97 4.26 -9.65
N LEU A 92 13.80 4.15 -10.25
CA LEU A 92 12.85 3.07 -9.95
C LEU A 92 13.44 1.74 -10.41
N ASN A 93 13.39 0.73 -9.53
CA ASN A 93 13.82 -0.62 -9.84
C ASN A 93 12.73 -1.62 -9.64
N VAL A 94 12.82 -2.72 -10.40
CA VAL A 94 11.98 -3.86 -10.22
C VAL A 94 12.89 -5.11 -9.99
N ALA A 95 12.47 -5.90 -9.05
CA ALA A 95 12.92 -7.29 -8.86
C ALA A 95 11.74 -8.21 -9.04
N TRP A 96 11.99 -9.45 -9.51
CA TRP A 96 10.89 -10.31 -9.85
C TRP A 96 11.38 -11.77 -9.71
N VAL A 97 10.40 -12.57 -9.49
CA VAL A 97 10.57 -14.04 -9.31
C VAL A 97 9.46 -14.75 -10.02
N VAL A 98 9.80 -15.90 -10.61
CA VAL A 98 8.83 -16.74 -11.30
C VAL A 98 8.66 -18.07 -10.51
N SER A 99 7.45 -18.34 -10.13
CA SER A 99 7.13 -19.53 -9.33
C SER A 99 8.10 -19.61 -8.16
N ALA A 100 8.94 -20.66 -8.06
CA ALA A 100 9.80 -20.82 -6.87
C ALA A 100 11.27 -20.71 -7.23
N ASP A 101 11.56 -20.11 -8.39
CA ASP A 101 12.94 -19.91 -8.82
C ASP A 101 13.65 -18.89 -7.94
N ARG A 102 14.89 -18.58 -8.29
CA ARG A 102 15.70 -17.53 -7.64
C ARG A 102 15.28 -16.17 -8.19
N TRP A 103 15.59 -15.16 -7.40
CA TRP A 103 15.13 -13.77 -7.68
C TRP A 103 15.97 -13.17 -8.80
N ASN A 104 15.37 -12.30 -9.57
CA ASN A 104 16.04 -11.53 -10.59
C ASN A 104 16.04 -10.07 -10.13
N GLY A 105 17.08 -9.34 -10.54
CA GLY A 105 17.18 -7.91 -10.20
C GLY A 105 17.63 -7.68 -8.76
N PRO A 106 17.47 -6.47 -8.21
CA PRO A 106 16.64 -5.40 -8.84
C PRO A 106 17.32 -4.83 -10.07
N THR A 107 16.52 -4.46 -11.07
CA THR A 107 17.00 -3.81 -12.29
C THR A 107 16.32 -2.45 -12.40
N PRO A 108 17.03 -1.39 -12.86
CA PRO A 108 16.31 -0.11 -13.09
C PRO A 108 15.35 -0.06 -14.26
N ILE A 109 14.19 0.58 -14.04
CA ILE A 109 13.16 0.80 -15.02
C ILE A 109 12.85 2.30 -15.17
N SER A 110 13.73 3.14 -14.63
CA SER A 110 13.75 4.56 -14.97
C SER A 110 15.17 4.97 -15.10
N ALA A 111 15.37 6.16 -15.67
CA ALA A 111 16.64 6.86 -15.48
C ALA A 111 16.88 7.18 -14.00
N ALA A 112 18.13 7.37 -13.67
CA ALA A 112 18.55 7.83 -12.38
C ALA A 112 18.13 9.26 -12.20
N GLY A 113 18.01 9.69 -10.96
CA GLY A 113 17.71 11.06 -10.62
C GLY A 113 16.25 11.48 -10.80
N LEU A 114 15.35 10.57 -11.12
CA LEU A 114 13.96 10.90 -11.40
C LEU A 114 13.12 10.99 -10.12
N PHE A 115 13.35 10.09 -9.18
CA PHE A 115 12.54 10.09 -7.93
C PHE A 115 13.47 10.33 -6.77
N PRO A 116 12.97 10.81 -5.67
CA PRO A 116 13.75 10.79 -4.45
C PRO A 116 14.07 9.40 -3.98
N ALA A 117 15.31 9.23 -3.47
CA ALA A 117 15.72 7.94 -3.04
C ALA A 117 14.69 7.32 -2.07
N GLY A 118 14.26 6.11 -2.33
CA GLY A 118 13.39 5.41 -1.38
C GLY A 118 11.93 5.91 -1.50
N ALA A 119 11.65 6.65 -2.57
CA ALA A 119 10.25 7.18 -2.84
C ALA A 119 9.14 6.16 -2.61
N ALA A 120 8.02 6.62 -2.10
CA ALA A 120 6.83 5.78 -2.08
C ALA A 120 6.39 5.39 -3.47
N ILE A 121 5.90 4.16 -3.56
CA ILE A 121 5.45 3.54 -4.80
C ILE A 121 4.16 2.81 -4.59
N ALA A 122 3.33 2.74 -5.64
CA ALA A 122 2.14 1.90 -5.63
C ALA A 122 1.96 1.30 -7.00
N ALA A 123 1.48 0.06 -7.01
CA ALA A 123 1.37 -0.69 -8.27
C ALA A 123 0.01 -1.30 -8.36
N SER A 124 -0.51 -1.37 -9.59
CA SER A 124 -1.85 -1.93 -9.83
C SER A 124 -1.99 -2.43 -11.26
N ASN A 125 -2.88 -3.39 -11.50
CA ASN A 125 -3.42 -3.61 -12.83
C ASN A 125 -4.01 -2.32 -13.32
N GLN A 126 -3.84 -2.06 -14.61
CA GLN A 126 -4.67 -1.01 -15.22
C GLN A 126 -6.00 -1.69 -15.59
N PHE A 127 -6.98 -1.51 -14.76
CA PHE A 127 -8.29 -2.23 -14.91
C PHE A 127 -8.91 -2.04 -16.28
N GLY A 128 -9.30 -3.16 -16.91
CA GLY A 128 -9.82 -3.16 -18.27
C GLY A 128 -8.78 -3.64 -19.27
N ILE A 129 -7.55 -3.68 -18.82
CA ILE A 129 -6.40 -4.15 -19.60
C ILE A 129 -5.81 -5.28 -18.81
N PRO A 130 -6.24 -6.54 -19.07
CA PRO A 130 -5.90 -7.56 -18.07
C PRO A 130 -4.42 -7.94 -18.03
N ASN A 131 -3.62 -7.57 -18.99
CA ASN A 131 -2.21 -7.89 -19.05
C ASN A 131 -1.31 -6.69 -18.88
N GLN A 132 -1.84 -5.58 -18.29
CA GLN A 132 -1.05 -4.43 -18.02
C GLN A 132 -0.88 -4.10 -16.52
N THR A 133 0.37 -3.92 -16.13
CA THR A 133 0.81 -3.50 -14.78
C THR A 133 1.32 -2.07 -14.77
N ASP A 134 0.71 -1.25 -13.89
CA ASP A 134 1.13 0.16 -13.75
C ASP A 134 1.88 0.35 -12.43
N VAL A 135 2.86 1.20 -12.44
CA VAL A 135 3.67 1.52 -11.23
C VAL A 135 3.69 3.05 -11.13
N PHE A 136 3.31 3.55 -9.95
CA PHE A 136 3.12 5.02 -9.75
C PHE A 136 4.10 5.50 -8.68
N ALA A 137 4.60 6.72 -8.85
CA ALA A 137 5.41 7.42 -7.81
C ALA A 137 5.47 8.87 -8.25
N VAL A 138 5.76 9.73 -7.32
CA VAL A 138 5.84 11.16 -7.58
C VAL A 138 7.32 11.49 -7.69
N SER A 139 7.66 12.10 -8.84
CA SER A 139 9.01 12.44 -9.18
C SER A 139 9.53 13.57 -8.39
N ASP A 140 10.85 13.80 -8.53
CA ASP A 140 11.47 14.93 -7.87
C ASP A 140 10.78 16.26 -8.21
N SER A 141 10.27 16.35 -9.41
CA SER A 141 9.61 17.62 -9.84
C SER A 141 8.19 17.83 -9.22
N GLY A 142 7.68 16.79 -8.55
CA GLY A 142 6.37 16.92 -7.89
C GLY A 142 5.26 16.47 -8.79
N ALA A 143 5.59 15.79 -9.89
CA ALA A 143 4.58 15.26 -10.79
C ALA A 143 4.34 13.80 -10.48
N LEU A 144 3.10 13.43 -10.47
CA LEU A 144 2.76 12.02 -10.51
C LEU A 144 3.24 11.37 -11.80
N ASN A 145 3.94 10.24 -11.69
CA ASN A 145 4.39 9.54 -12.86
C ASN A 145 3.86 8.07 -12.87
N VAL A 146 3.79 7.45 -14.07
CA VAL A 146 3.38 6.05 -14.19
C VAL A 146 4.40 5.41 -15.12
N ALA A 147 4.83 4.24 -14.75
CA ALA A 147 5.50 3.33 -15.66
C ALA A 147 4.62 2.06 -15.82
N TRP A 148 4.73 1.38 -16.97
CA TRP A 148 3.80 0.27 -17.18
C TRP A 148 4.43 -0.79 -18.08
N VAL A 149 3.89 -2.00 -17.97
CA VAL A 149 4.36 -3.13 -18.79
C VAL A 149 3.20 -3.98 -19.14
N VAL A 150 3.28 -4.46 -20.38
CA VAL A 150 2.27 -5.34 -20.96
C VAL A 150 2.92 -6.73 -21.07
N SER A 151 2.32 -7.70 -20.37
CA SER A 151 2.81 -9.11 -20.39
C SER A 151 4.30 -9.18 -20.16
N ALA A 152 5.01 -9.80 -21.08
CA ALA A 152 6.43 -10.02 -20.94
C ALA A 152 7.19 -9.07 -21.81
N GLU A 153 6.54 -8.02 -22.27
CA GLU A 153 7.26 -7.02 -23.09
C GLU A 153 8.14 -6.17 -22.22
N ARG A 154 8.87 -5.27 -22.84
CA ARG A 154 9.70 -4.36 -22.07
C ARG A 154 8.88 -3.20 -21.42
N TRP A 155 9.44 -2.66 -20.34
CA TRP A 155 8.82 -1.59 -19.60
C TRP A 155 8.73 -0.35 -20.43
N ASN A 156 7.72 0.48 -20.15
CA ASN A 156 7.52 1.78 -20.72
C ASN A 156 7.55 2.83 -19.63
N GLY A 157 7.82 4.10 -20.01
CA GLY A 157 7.77 5.19 -19.04
C GLY A 157 8.97 5.14 -18.12
N PRO A 158 8.93 5.79 -16.96
CA PRO A 158 7.77 6.52 -16.44
C PRO A 158 7.49 7.77 -17.25
N ILE A 159 6.22 8.17 -17.25
CA ILE A 159 5.79 9.46 -17.88
C ILE A 159 4.97 10.22 -16.85
N PRO A 160 4.95 11.55 -16.94
CA PRO A 160 4.19 12.35 -16.04
C PRO A 160 2.73 12.37 -16.40
N ILE A 161 1.90 12.20 -15.37
CA ILE A 161 0.47 12.28 -15.51
C ILE A 161 -0.20 13.32 -14.64
N SER A 162 0.61 14.18 -14.07
CA SER A 162 0.05 15.41 -13.51
C SER A 162 1.04 16.49 -13.93
N ALA A 163 0.65 17.71 -13.66
CA ALA A 163 1.57 18.82 -13.76
C ALA A 163 2.68 18.66 -12.70
N ALA A 164 3.84 19.20 -13.03
CA ALA A 164 4.91 19.35 -12.02
C ALA A 164 4.51 20.26 -10.88
N GLY A 165 5.11 20.04 -9.69
CA GLY A 165 4.88 20.81 -8.53
C GLY A 165 3.54 20.63 -7.84
N HIS A 166 2.91 19.51 -8.13
CA HIS A 166 1.54 19.25 -7.62
C HIS A 166 1.58 18.55 -6.24
N PHE A 167 2.48 17.59 -6.08
CA PHE A 167 2.52 16.71 -4.89
C PHE A 167 3.94 16.80 -4.33
N PRO A 168 4.13 16.41 -3.05
CA PRO A 168 5.48 16.33 -2.55
C PRO A 168 6.27 15.22 -3.20
N ALA A 169 7.53 15.48 -3.60
CA ALA A 169 8.31 14.48 -4.20
C ALA A 169 8.34 13.22 -3.32
N GLY A 170 8.11 12.09 -3.95
CA GLY A 170 8.14 10.82 -3.27
C GLY A 170 6.97 10.58 -2.28
N ALA A 171 5.89 11.37 -2.42
CA ALA A 171 4.73 11.31 -1.47
C ALA A 171 4.15 9.87 -1.51
N PRO A 172 3.59 9.40 -0.37
CA PRO A 172 2.82 8.19 -0.29
C PRO A 172 1.60 8.29 -1.19
N LEU A 173 1.27 7.20 -1.78
CA LEU A 173 0.12 7.13 -2.66
C LEU A 173 -0.50 5.77 -2.65
N ALA A 174 -1.75 5.67 -3.10
CA ALA A 174 -2.45 4.41 -3.19
C ALA A 174 -3.21 4.29 -4.49
N THR A 175 -3.46 3.07 -4.92
CA THR A 175 -4.18 2.83 -6.16
C THR A 175 -5.30 1.83 -5.95
N SER A 176 -6.38 1.95 -6.72
CA SER A 176 -7.46 0.97 -6.64
C SER A 176 -8.27 1.03 -7.93
N ASN A 177 -8.92 -0.06 -8.28
CA ASN A 177 -10.04 0.03 -9.14
C ASN A 177 -11.09 0.98 -8.52
N GLN A 178 -11.80 1.76 -9.32
CA GLN A 178 -13.00 2.45 -8.86
C GLN A 178 -14.11 1.43 -8.98
N PHE A 179 -14.33 0.70 -7.89
CA PHE A 179 -15.27 -0.40 -7.87
C PHE A 179 -16.63 -0.01 -8.41
N GLY A 180 -17.13 -0.90 -9.30
CA GLY A 180 -18.33 -0.57 -10.03
C GLY A 180 -18.06 -0.16 -11.42
N ILE A 181 -16.84 0.29 -11.71
CA ILE A 181 -16.49 0.78 -13.05
C ILE A 181 -15.35 -0.14 -13.47
N PRO A 182 -15.64 -1.13 -14.33
CA PRO A 182 -14.70 -2.20 -14.47
C PRO A 182 -13.39 -1.83 -15.10
N ASN A 183 -13.44 -0.72 -15.82
CA ASN A 183 -12.32 -0.32 -16.67
C ASN A 183 -11.65 0.89 -16.07
N GLN A 184 -11.87 1.20 -14.75
CA GLN A 184 -11.28 2.49 -14.22
C GLN A 184 -10.26 2.20 -13.18
N THR A 185 -9.16 2.93 -13.23
CA THR A 185 -8.09 2.83 -12.27
C THR A 185 -7.85 4.18 -11.64
N ASP A 186 -7.88 4.22 -10.27
CA ASP A 186 -7.65 5.49 -9.50
C ASP A 186 -6.30 5.52 -8.79
N VAL A 187 -5.75 6.73 -8.64
CA VAL A 187 -4.52 6.93 -7.86
C VAL A 187 -4.87 8.06 -6.90
N PHE A 188 -4.47 7.90 -5.65
CA PHE A 188 -4.74 8.81 -4.55
C PHE A 188 -3.50 9.31 -3.89
N VAL A 189 -3.39 10.64 -3.72
CA VAL A 189 -2.20 11.26 -3.17
C VAL A 189 -2.67 12.58 -2.53
N VAL A 190 -2.01 13.01 -1.47
CA VAL A 190 -2.33 14.33 -0.85
C VAL A 190 -1.42 15.37 -1.56
N ASP A 191 -2.02 16.48 -2.00
CA ASP A 191 -1.30 17.49 -2.69
C ASP A 191 -0.50 18.39 -1.72
N ASN A 192 0.22 19.32 -2.29
CA ASN A 192 1.04 20.27 -1.51
C ASN A 192 0.22 21.19 -0.60
N LYS A 193 -1.09 21.35 -0.86
CA LYS A 193 -1.92 22.15 -0.04
C LYS A 193 -2.65 21.37 1.07
N GLY A 194 -2.39 20.04 1.19
CA GLY A 194 -3.10 19.26 2.16
C GLY A 194 -4.44 18.71 1.83
N ALA A 195 -4.79 18.75 0.55
CA ALA A 195 -6.07 18.10 0.10
C ALA A 195 -5.79 16.75 -0.52
N LEU A 196 -6.62 15.81 -0.16
CA LEU A 196 -6.60 14.50 -0.83
C LEU A 196 -6.98 14.71 -2.25
N ASN A 197 -6.22 14.14 -3.22
CA ASN A 197 -6.57 14.17 -4.66
C ASN A 197 -6.74 12.78 -5.25
N VAL A 198 -7.47 12.72 -6.37
CA VAL A 198 -7.57 11.48 -7.16
C VAL A 198 -7.22 11.81 -8.60
N ALA A 199 -6.53 10.94 -9.27
CA ALA A 199 -6.38 10.91 -10.71
C ALA A 199 -6.89 9.55 -11.16
N TRP A 200 -7.40 9.47 -12.40
CA TRP A 200 -7.96 8.24 -12.89
C TRP A 200 -7.87 8.09 -14.36
N VAL A 201 -7.97 6.88 -14.80
CA VAL A 201 -7.93 6.53 -16.27
C VAL A 201 -9.03 5.49 -16.53
N VAL A 202 -9.73 5.63 -17.66
CA VAL A 202 -10.81 4.72 -18.06
C VAL A 202 -10.29 3.90 -19.30
N GLY A 203 -10.24 2.57 -19.22
CA GLY A 203 -9.66 1.67 -20.31
C GLY A 203 -8.19 1.92 -20.74
N ALA A 204 -7.93 1.96 -22.08
CA ALA A 204 -6.62 2.36 -22.67
C ALA A 204 -6.59 3.86 -22.96
N GLY A 205 -7.36 4.62 -22.20
CA GLY A 205 -7.55 6.00 -22.50
C GLY A 205 -6.49 6.82 -21.87
N SER A 206 -6.72 8.13 -21.86
CA SER A 206 -5.84 9.13 -21.20
C SER A 206 -6.25 9.50 -19.77
N TRP A 207 -5.17 9.73 -19.02
CA TRP A 207 -5.37 10.14 -17.61
C TRP A 207 -6.12 11.44 -17.38
N ASN A 208 -7.05 11.43 -16.43
CA ASN A 208 -7.75 12.55 -15.94
C ASN A 208 -7.31 12.94 -14.51
N GLY A 209 -7.58 14.21 -14.11
CA GLY A 209 -7.17 14.79 -12.81
C GLY A 209 -5.69 14.99 -12.88
N PRO A 210 -5.02 15.14 -11.75
CA PRO A 210 -5.61 15.03 -10.41
C PRO A 210 -6.50 16.19 -10.04
N ILE A 211 -7.55 15.92 -9.23
CA ILE A 211 -8.39 16.95 -8.63
C ILE A 211 -8.49 16.72 -7.14
N PRO A 212 -8.70 17.78 -6.40
CA PRO A 212 -8.98 17.61 -5.00
C PRO A 212 -10.34 16.98 -4.73
N ILE A 213 -10.34 16.09 -3.76
CA ILE A 213 -11.55 15.43 -3.18
C ILE A 213 -11.64 15.63 -1.68
N SER A 214 -10.87 16.57 -1.12
CA SER A 214 -11.17 17.09 0.22
C SER A 214 -10.90 18.58 0.18
N PRO A 215 -11.19 19.23 1.27
CA PRO A 215 -10.67 20.60 1.44
C PRO A 215 -9.15 20.59 1.60
N PRO A 216 -8.51 21.73 1.27
CA PRO A 216 -7.11 21.85 1.57
C PRO A 216 -6.91 22.01 3.10
N GLY A 217 -5.67 21.84 3.53
CA GLY A 217 -5.29 22.03 4.93
C GLY A 217 -5.70 20.94 5.90
N LEU A 218 -6.30 19.83 5.37
CA LEU A 218 -6.88 18.84 6.24
C LEU A 218 -5.87 17.76 6.55
N PHE A 219 -5.03 17.41 5.58
CA PHE A 219 -4.04 16.29 5.73
C PHE A 219 -2.64 16.91 5.58
N PRO A 220 -1.67 16.44 6.38
CA PRO A 220 -0.30 16.91 6.10
C PRO A 220 0.21 16.49 4.74
N PRO A 221 0.92 17.39 4.05
CA PRO A 221 1.63 16.86 2.85
C PRO A 221 2.56 15.72 3.23
N GLY A 222 2.53 14.68 2.46
CA GLY A 222 3.26 13.45 2.75
C GLY A 222 2.43 12.40 3.44
N ALA A 223 1.18 12.73 3.68
CA ALA A 223 0.30 11.78 4.45
C ALA A 223 0.21 10.44 3.76
N ALA A 224 0.32 9.37 4.52
CA ALA A 224 0.03 8.07 4.02
C ALA A 224 -1.43 7.95 3.58
N VAL A 225 -1.67 7.13 2.57
CA VAL A 225 -3.04 6.84 2.03
C VAL A 225 -3.15 5.37 1.72
N ALA A 226 -4.32 4.83 1.98
CA ALA A 226 -4.68 3.48 1.58
C ALA A 226 -6.06 3.48 0.97
N ALA A 227 -6.30 2.50 0.11
CA ALA A 227 -7.58 2.38 -0.57
C ALA A 227 -8.02 0.93 -0.64
N SER A 228 -9.35 0.73 -0.66
CA SER A 228 -9.92 -0.63 -0.71
C SER A 228 -11.34 -0.55 -1.21
N ASN A 229 -11.83 -1.61 -1.84
CA ASN A 229 -13.25 -1.80 -1.87
C ASN A 229 -13.80 -1.78 -0.45
N GLN A 230 -14.99 -1.25 -0.26
CA GLN A 230 -15.77 -1.53 0.96
C GLN A 230 -16.43 -2.86 0.68
N PHE A 231 -15.79 -3.93 1.16
CA PHE A 231 -16.24 -5.28 0.86
C PHE A 231 -17.70 -5.56 1.25
N GLY A 232 -18.37 -6.17 0.28
CA GLY A 232 -19.85 -6.30 0.38
C GLY A 232 -20.64 -5.27 -0.37
N ILE A 233 -19.99 -4.17 -0.84
CA ILE A 233 -20.58 -3.08 -1.60
C ILE A 233 -19.81 -3.03 -2.86
N PRO A 234 -20.30 -3.70 -3.88
CA PRO A 234 -19.45 -3.87 -5.09
C PRO A 234 -19.12 -2.67 -5.89
N ASN A 235 -19.77 -1.57 -5.62
CA ASN A 235 -19.51 -0.31 -6.26
C ASN A 235 -19.01 0.78 -5.43
N GLN A 236 -18.44 0.43 -4.27
CA GLN A 236 -17.91 1.50 -3.40
C GLN A 236 -16.38 1.30 -3.23
N THR A 237 -15.69 2.43 -3.34
CA THR A 237 -14.22 2.54 -3.09
C THR A 237 -14.00 3.49 -1.93
N ASP A 238 -13.26 3.04 -0.91
CA ASP A 238 -12.91 3.75 0.29
C ASP A 238 -11.43 4.19 0.21
N VAL A 239 -11.13 5.38 0.74
CA VAL A 239 -9.79 5.93 0.83
C VAL A 239 -9.56 6.43 2.22
N PHE A 240 -8.49 5.98 2.82
CA PHE A 240 -8.19 6.23 4.26
C PHE A 240 -6.99 7.08 4.45
N VAL A 241 -7.06 8.10 5.31
CA VAL A 241 -5.92 9.02 5.56
C VAL A 241 -6.18 9.58 6.94
N VAL A 242 -5.12 9.84 7.71
CA VAL A 242 -5.23 10.47 9.01
C VAL A 242 -4.99 12.00 8.89
N ASP A 243 -5.89 12.79 9.37
CA ASP A 243 -5.89 14.25 9.33
C ASP A 243 -4.99 14.89 10.37
N ASN A 244 -4.91 16.22 10.21
CA ASN A 244 -3.97 16.99 11.03
C ASN A 244 -4.39 17.00 12.51
N GLN A 245 -5.64 16.69 12.79
CA GLN A 245 -6.19 16.55 14.15
CA GLN A 245 -6.10 16.57 14.19
C GLN A 245 -5.89 15.18 14.75
N GLY A 246 -5.35 14.26 13.96
CA GLY A 246 -5.05 12.92 14.45
C GLY A 246 -6.19 11.90 14.33
N ALA A 247 -7.27 12.32 13.66
CA ALA A 247 -8.39 11.43 13.38
C ALA A 247 -8.17 10.64 12.05
N LEU A 248 -8.47 9.35 12.14
CA LEU A 248 -8.57 8.52 10.94
C LEU A 248 -9.84 8.91 10.16
N ASN A 249 -9.68 9.24 8.87
CA ASN A 249 -10.79 9.58 8.03
C ASN A 249 -10.99 8.55 6.91
N VAL A 250 -12.23 8.48 6.39
CA VAL A 250 -12.53 7.77 5.16
C VAL A 250 -13.22 8.74 4.24
N ALA A 251 -12.80 8.72 2.98
CA ALA A 251 -13.55 9.30 1.82
C ALA A 251 -14.01 8.14 0.93
N TRP A 252 -15.13 8.28 0.19
CA TRP A 252 -15.64 7.09 -0.57
C TRP A 252 -16.45 7.60 -1.72
N VAL A 253 -16.40 6.74 -2.76
CA VAL A 253 -17.08 7.04 -4.04
C VAL A 253 -17.88 5.83 -4.47
N VAL A 254 -19.07 6.12 -4.95
CA VAL A 254 -19.90 5.10 -5.51
C VAL A 254 -20.17 5.33 -6.95
N GLY A 255 -19.88 4.27 -7.72
CA GLY A 255 -20.10 4.28 -9.17
C GLY A 255 -19.30 5.36 -9.82
N ALA A 256 -19.99 6.07 -10.71
CA ALA A 256 -19.47 7.24 -11.35
C ALA A 256 -20.07 8.49 -10.69
N ASP A 257 -20.77 8.33 -9.57
CA ASP A 257 -21.21 9.50 -8.76
C ASP A 257 -20.05 10.30 -8.10
N ARG A 258 -20.40 11.40 -7.46
CA ARG A 258 -19.42 12.27 -6.88
C ARG A 258 -18.91 11.70 -5.53
N TRP A 259 -17.72 12.12 -5.18
CA TRP A 259 -17.13 11.79 -3.90
C TRP A 259 -17.87 12.24 -2.71
N ASN A 260 -17.72 11.46 -1.65
CA ASN A 260 -18.14 11.68 -0.32
C ASN A 260 -17.00 11.75 0.72
N GLY A 261 -17.22 12.51 1.78
CA GLY A 261 -16.18 12.67 2.80
C GLY A 261 -15.11 13.59 2.30
N PRO A 262 -13.92 13.53 2.91
CA PRO A 262 -13.61 12.61 4.03
C PRO A 262 -14.35 12.92 5.33
N VAL A 263 -14.60 11.90 6.09
CA VAL A 263 -15.29 12.05 7.39
C VAL A 263 -14.47 11.25 8.41
N PRO A 264 -14.36 11.78 9.64
CA PRO A 264 -13.68 10.99 10.66
C PRO A 264 -14.39 9.70 11.01
N ILE A 265 -13.60 8.62 11.18
CA ILE A 265 -14.03 7.40 11.74
C ILE A 265 -13.33 7.00 13.05
N SER A 266 -12.62 7.98 13.63
CA SER A 266 -12.10 7.87 14.97
C SER A 266 -12.24 9.25 15.65
N PRO A 267 -12.03 9.29 16.97
CA PRO A 267 -11.87 10.60 17.60
C PRO A 267 -10.59 11.24 17.20
N ALA A 268 -10.46 12.53 17.50
CA ALA A 268 -9.21 13.21 17.24
C ALA A 268 -8.12 12.76 18.20
N GLY A 269 -6.89 12.98 17.79
CA GLY A 269 -5.73 12.74 18.61
C GLY A 269 -5.16 11.37 18.76
N LEU A 270 -5.79 10.39 18.10
CA LEU A 270 -5.45 9.04 18.36
C LEU A 270 -4.19 8.59 17.61
N PHE A 271 -4.01 9.12 16.43
CA PHE A 271 -2.92 8.80 15.49
C PHE A 271 -2.09 10.03 15.16
N PRO A 272 -0.79 9.83 14.83
CA PRO A 272 -0.10 11.01 14.32
C PRO A 272 -0.66 11.44 13.00
N PRO A 273 -0.73 12.73 12.70
CA PRO A 273 -1.18 13.15 11.37
C PRO A 273 -0.41 12.41 10.25
N GLY A 274 -1.15 11.87 9.24
CA GLY A 274 -0.51 11.21 8.15
C GLY A 274 0.05 9.83 8.44
N ALA A 275 -0.37 9.26 9.58
CA ALA A 275 0.06 7.93 10.01
C ALA A 275 -0.08 6.92 8.87
N ALA A 276 0.86 5.99 8.76
CA ALA A 276 0.68 4.87 7.80
C ALA A 276 -0.61 4.10 8.03
N VAL A 277 -1.25 3.70 6.92
CA VAL A 277 -2.54 3.05 6.96
C VAL A 277 -2.50 1.89 5.99
N ALA A 278 -3.25 0.87 6.28
CA ALA A 278 -3.47 -0.26 5.38
C ALA A 278 -4.84 -0.77 5.51
N ALA A 279 -5.38 -1.29 4.43
CA ALA A 279 -6.75 -1.80 4.42
C ALA A 279 -6.82 -3.19 3.80
N SER A 280 -7.78 -3.99 4.25
CA SER A 280 -7.95 -5.36 3.73
C SER A 280 -9.38 -5.82 4.01
N ASN A 281 -9.87 -6.73 3.16
CA ASN A 281 -10.94 -7.65 3.63
C ASN A 281 -10.49 -8.38 4.88
N GLN A 282 -11.43 -8.66 5.77
CA GLN A 282 -11.16 -9.62 6.86
C GLN A 282 -11.56 -10.95 6.26
N PHE A 283 -10.59 -11.69 5.80
CA PHE A 283 -10.85 -12.96 5.08
C PHE A 283 -11.64 -13.97 5.85
N GLY A 284 -12.59 -14.56 5.14
CA GLY A 284 -13.59 -15.38 5.77
C GLY A 284 -14.88 -14.64 6.09
N ILE A 285 -14.87 -13.30 6.02
CA ILE A 285 -16.03 -12.45 6.25
C ILE A 285 -16.17 -11.63 4.98
N PRO A 286 -16.96 -12.11 4.01
CA PRO A 286 -16.97 -11.53 2.67
C PRO A 286 -17.33 -10.01 2.66
N ASN A 287 -18.10 -9.58 3.63
CA ASN A 287 -18.56 -8.22 3.70
C ASN A 287 -17.91 -7.31 4.72
N GLN A 288 -16.71 -7.67 5.18
CA GLN A 288 -16.06 -6.83 6.17
C GLN A 288 -14.80 -6.22 5.58
N THR A 289 -14.59 -4.96 5.89
CA THR A 289 -13.37 -4.21 5.55
C THR A 289 -12.69 -3.72 6.80
N ASP A 290 -11.39 -3.98 6.90
CA ASP A 290 -10.60 -3.55 8.01
C ASP A 290 -9.61 -2.53 7.61
N VAL A 291 -9.37 -1.56 8.50
CA VAL A 291 -8.29 -0.60 8.28
C VAL A 291 -7.41 -0.60 9.51
N PHE A 292 -6.11 -0.48 9.29
CA PHE A 292 -5.11 -0.58 10.33
C PHE A 292 -4.20 0.62 10.34
N ALA A 293 -3.76 1.00 11.56
CA ALA A 293 -2.77 2.00 11.77
C ALA A 293 -2.22 1.86 13.17
N VAL A 294 -1.09 2.48 13.42
CA VAL A 294 -0.55 2.54 14.74
C VAL A 294 -0.70 3.91 15.41
N GLY A 295 -1.30 3.90 16.58
CA GLY A 295 -1.55 5.13 17.30
C GLY A 295 -0.30 5.83 17.83
N ARG A 296 -0.50 7.03 18.33
CA ARG A 296 0.57 7.80 18.96
C ARG A 296 1.16 7.02 20.12
N ASP A 297 0.33 6.22 20.79
CA ASP A 297 0.78 5.33 21.90
C ASP A 297 1.52 4.06 21.53
N GLY A 298 1.80 3.86 20.22
CA GLY A 298 2.56 2.76 19.75
C GLY A 298 1.81 1.48 19.66
N ALA A 299 0.47 1.51 19.86
CA ALA A 299 -0.35 0.35 19.71
C ALA A 299 -1.03 0.27 18.33
N LEU A 300 -0.93 -0.92 17.72
CA LEU A 300 -1.63 -1.17 16.46
C LEU A 300 -3.14 -1.19 16.70
N ARG A 301 -3.93 -0.60 15.75
CA ARG A 301 -5.37 -0.51 15.88
C ARG A 301 -6.00 -1.04 14.61
N VAL A 302 -7.24 -1.52 14.81
CA VAL A 302 -8.11 -1.84 13.68
C VAL A 302 -9.46 -1.17 13.83
N ALA A 303 -9.97 -0.66 12.72
CA ALA A 303 -11.35 -0.25 12.61
C ALA A 303 -11.98 -1.02 11.48
N TRP A 304 -13.28 -1.27 11.57
CA TRP A 304 -13.89 -2.15 10.55
C TRP A 304 -15.35 -1.84 10.34
N VAL A 305 -15.82 -2.22 9.18
CA VAL A 305 -17.20 -2.00 8.75
C VAL A 305 -17.73 -3.21 8.03
N VAL A 306 -18.99 -3.53 8.29
CA VAL A 306 -19.68 -4.67 7.68
C VAL A 306 -20.73 -4.13 6.69
N SER A 307 -20.62 -4.51 5.42
CA SER A 307 -21.58 -4.03 4.36
C SER A 307 -21.72 -2.53 4.44
N ALA A 308 -22.93 -2.01 4.50
CA ALA A 308 -23.17 -0.61 4.54
C ALA A 308 -23.51 -0.13 5.97
N GLY A 309 -23.03 -0.86 6.96
CA GLY A 309 -23.10 -0.56 8.36
C GLY A 309 -22.30 0.62 8.79
N ASN A 310 -22.48 0.97 10.07
CA ASN A 310 -21.59 1.96 10.62
C ASN A 310 -20.25 1.37 10.99
N TRP A 311 -19.25 2.21 10.94
CA TRP A 311 -17.92 1.78 11.42
C TRP A 311 -17.86 1.36 12.88
N ASN A 312 -16.99 0.39 13.18
CA ASN A 312 -16.69 -0.05 14.52
C ASN A 312 -15.23 0.29 14.78
N GLY A 313 -14.92 0.55 16.03
CA GLY A 313 -13.59 0.87 16.48
C GLY A 313 -13.23 2.30 16.30
N PRO A 314 -11.93 2.64 16.31
CA PRO A 314 -10.80 1.71 16.41
C PRO A 314 -10.72 0.98 17.74
N VAL A 315 -10.10 -0.18 17.67
CA VAL A 315 -9.78 -0.96 18.84
CA VAL A 315 -9.80 -1.02 18.82
C VAL A 315 -8.31 -1.37 18.79
N SER A 316 -7.65 -1.30 19.95
CA SER A 316 -6.23 -1.65 20.03
C SER A 316 -6.08 -3.16 19.97
N ILE A 317 -5.10 -3.59 19.16
CA ILE A 317 -4.81 -4.99 18.91
C ILE A 317 -3.35 -5.34 19.22
N SER A 318 -2.66 -4.44 19.93
CA SER A 318 -1.37 -4.75 20.46
C SER A 318 -1.10 -3.90 21.71
N PRO A 319 -0.02 -4.29 22.46
CA PRO A 319 0.43 -3.43 23.54
C PRO A 319 0.86 -2.07 23.07
N THR A 320 0.80 -1.09 23.93
CA THR A 320 1.38 0.18 23.72
C THR A 320 2.93 0.06 23.61
N ASN A 321 3.48 1.04 22.97
CA ASN A 321 4.90 1.18 22.70
C ASN A 321 5.49 0.00 21.98
N LEU A 322 4.70 -0.77 21.24
CA LEU A 322 5.29 -1.88 20.49
C LEU A 322 5.90 -1.47 19.19
N PHE A 323 5.18 -0.57 18.47
CA PHE A 323 5.58 -0.08 17.18
C PHE A 323 5.79 1.42 17.28
N PRO A 324 6.69 1.96 16.46
CA PRO A 324 6.78 3.38 16.38
C PRO A 324 5.45 4.03 16.02
N SER A 325 5.19 5.15 16.62
CA SER A 325 3.91 5.87 16.31
C SER A 325 3.77 6.08 14.80
N GLY A 326 2.61 5.72 14.27
CA GLY A 326 2.31 5.89 12.89
C GLY A 326 3.14 4.98 11.98
N ALA A 327 3.68 3.88 12.49
CA ALA A 327 4.58 3.00 11.71
C ALA A 327 3.92 2.32 10.52
N ALA A 328 4.72 2.00 9.53
CA ALA A 328 4.23 1.30 8.37
C ALA A 328 3.52 0.02 8.70
N VAL A 329 2.40 -0.22 8.01
CA VAL A 329 1.59 -1.40 8.19
C VAL A 329 1.29 -1.99 6.83
N ALA A 330 1.21 -3.32 6.78
CA ALA A 330 0.69 -4.01 5.57
C ALA A 330 -0.21 -5.12 6.00
N ALA A 331 -1.13 -5.53 5.12
CA ALA A 331 -2.10 -6.57 5.49
C ALA A 331 -2.26 -7.51 4.27
N SER A 332 -2.56 -8.75 4.54
CA SER A 332 -2.72 -9.74 3.44
C SER A 332 -3.46 -10.92 4.00
N ASN A 333 -4.18 -11.63 3.16
CA ASN A 333 -4.51 -13.02 3.46
C ASN A 333 -3.25 -13.78 3.74
N GLN A 334 -3.28 -14.75 4.64
CA GLN A 334 -2.15 -15.69 4.72
C GLN A 334 -2.45 -16.80 3.71
N PHE A 335 -1.90 -16.72 2.54
CA PHE A 335 -2.24 -17.59 1.43
C PHE A 335 -2.17 -19.08 1.84
N GLY A 336 -3.25 -19.79 1.51
CA GLY A 336 -3.40 -21.19 1.93
C GLY A 336 -4.24 -21.39 3.14
N ILE A 337 -4.52 -20.28 3.84
CA ILE A 337 -5.46 -20.26 4.94
C ILE A 337 -6.57 -19.29 4.55
N PRO A 338 -7.61 -19.77 3.89
CA PRO A 338 -8.52 -18.82 3.26
C PRO A 338 -9.20 -17.80 4.20
N ASN A 339 -9.33 -18.12 5.48
CA ASN A 339 -10.05 -17.33 6.46
C ASN A 339 -9.15 -16.59 7.39
N GLN A 340 -7.88 -16.48 7.05
CA GLN A 340 -6.90 -15.77 7.90
C GLN A 340 -6.47 -14.47 7.26
N THR A 341 -6.53 -13.38 8.05
CA THR A 341 -5.95 -12.04 7.75
C THR A 341 -4.78 -11.76 8.64
N ASP A 342 -3.66 -11.40 8.01
CA ASP A 342 -2.40 -11.04 8.69
C ASP A 342 -2.19 -9.52 8.56
N VAL A 343 -1.73 -8.87 9.64
CA VAL A 343 -1.31 -7.47 9.58
C VAL A 343 0.13 -7.45 10.12
N PHE A 344 1.00 -6.78 9.39
CA PHE A 344 2.41 -6.70 9.61
C PHE A 344 2.80 -5.27 9.94
N ALA A 345 3.79 -5.18 10.88
CA ALA A 345 4.51 -4.01 11.18
C ALA A 345 5.86 -4.41 11.82
N ALA A 346 6.79 -3.50 11.78
CA ALA A 346 8.16 -3.68 12.38
C ALA A 346 8.33 -2.89 13.64
N ASP A 347 8.99 -3.51 14.62
CA ASP A 347 9.41 -2.75 15.79
C ASP A 347 10.54 -1.76 15.57
N SER A 348 10.94 -1.08 16.67
CA SER A 348 12.05 -0.11 16.68
C SER A 348 13.38 -0.66 16.20
N ASP A 349 13.57 -1.97 16.32
CA ASP A 349 14.79 -2.61 15.76
C ASP A 349 14.66 -3.18 14.37
N GLY A 350 13.56 -2.87 13.68
CA GLY A 350 13.32 -3.44 12.33
C GLY A 350 12.77 -4.88 12.28
N VAL A 351 12.48 -5.47 13.41
CA VAL A 351 12.04 -6.87 13.44
C VAL A 351 10.58 -6.97 13.05
N LEU A 352 10.29 -7.77 12.04
CA LEU A 352 8.88 -7.97 11.57
C LEU A 352 8.03 -8.64 12.60
N HIS A 353 6.79 -8.13 12.77
CA HIS A 353 5.80 -8.74 13.61
C HIS A 353 4.50 -8.98 12.81
N VAL A 354 3.73 -9.96 13.24
CA VAL A 354 2.40 -10.24 12.62
C VAL A 354 1.36 -10.39 13.68
N ALA A 355 0.19 -9.85 13.44
CA ALA A 355 -1.04 -10.15 14.22
C ALA A 355 -2.00 -10.77 13.22
N TRP A 356 -2.88 -11.63 13.66
CA TRP A 356 -3.77 -12.29 12.68
C TRP A 356 -5.11 -12.68 13.30
N VAL A 357 -6.09 -12.87 12.45
CA VAL A 357 -7.42 -13.22 12.90
C VAL A 357 -7.97 -14.19 11.88
N VAL A 358 -8.78 -15.10 12.41
CA VAL A 358 -9.42 -16.15 11.55
C VAL A 358 -10.93 -15.91 11.55
N SER A 359 -11.53 -15.64 10.39
CA SER A 359 -12.96 -15.28 10.23
C SER A 359 -13.40 -14.23 11.33
N ALA A 360 -14.47 -14.47 12.10
CA ALA A 360 -14.90 -13.52 13.11
C ALA A 360 -14.33 -13.80 14.51
N GLY A 361 -13.17 -14.47 14.56
CA GLY A 361 -12.49 -14.82 15.78
C GLY A 361 -11.76 -13.65 16.39
N ASN A 362 -10.98 -13.96 17.43
CA ASN A 362 -10.27 -12.93 18.17
C ASN A 362 -8.94 -12.67 17.51
N TRP A 363 -8.47 -11.43 17.63
CA TRP A 363 -7.08 -11.13 17.15
C TRP A 363 -6.04 -11.88 17.98
N ASN A 364 -4.98 -12.31 17.31
CA ASN A 364 -3.89 -13.08 17.90
C ASN A 364 -2.62 -12.27 17.70
N GLY A 365 -1.69 -12.32 18.66
CA GLY A 365 -0.45 -11.66 18.56
C GLY A 365 -0.55 -10.20 19.00
N PRO A 366 0.33 -9.33 18.52
CA PRO A 366 1.37 -9.68 17.53
C PRO A 366 2.46 -10.58 18.07
N ILE A 367 3.06 -11.35 17.18
CA ILE A 367 4.26 -12.15 17.54
C ILE A 367 5.39 -11.63 16.64
N SER A 368 6.65 -11.84 17.06
CA SER A 368 7.78 -11.56 16.25
C SER A 368 8.02 -12.73 15.33
N ILE A 369 8.38 -12.44 14.07
CA ILE A 369 8.62 -13.48 13.11
C ILE A 369 9.89 -13.23 12.28
N ALA A 370 10.29 -14.27 11.61
CA ALA A 370 11.39 -14.22 10.59
C ALA A 370 10.96 -13.49 9.35
S SO4 B . 4.36 11.01 17.41
O1 SO4 B . 5.39 9.97 17.69
O2 SO4 B . 2.95 10.57 17.59
O3 SO4 B . 4.36 12.10 18.42
O4 SO4 B . 4.63 11.34 15.96
#